data_1TJZ
#
_entry.id   1TJZ
#
_entity_poly.entity_id   1
_entity_poly.type   'polyribonucleotide'
_entity_poly.pdbx_seq_one_letter_code
;GGUGACGCCGUAAGGCGCAGCC
;
_entity_poly.pdbx_strand_id   A
#